data_4HTC
#
_entry.id   4HTC
#
_cell.length_a   90.540
_cell.length_b   90.540
_cell.length_c   132.040
_cell.angle_alpha   90.00
_cell.angle_beta   90.00
_cell.angle_gamma   90.00
#
_symmetry.space_group_name_H-M   'P 43 21 2'
#
loop_
_entity.id
_entity.type
_entity.pdbx_description
1 polymer 'ALPHA-THROMBIN (SMALL SUBUNIT)'
2 polymer 'ALPHA-THROMBIN (LARGE SUBUNIT)'
3 polymer 'HIRUDIN VARIANT 2'
4 non-polymer 2-acetamido-2-deoxy-beta-D-glucopyranose
5 water water
#
loop_
_entity_poly.entity_id
_entity_poly.type
_entity_poly.pdbx_seq_one_letter_code
_entity_poly.pdbx_strand_id
1 'polypeptide(L)' TFGSGEADCGLRPLFEKKSLEDKTERELLESYIDGR L
2 'polypeptide(L)'
;IVEGSDAEIGMSPWQVMLFRKSPQELLCGASLISDRWVLTAAHCLLYPPWDKNFTENDLLVRIGKHSRTRYERNIEKISM
LEKIYIHPRYNWRENLDRDIALMKLKKPVAFSDYIHPVCLPDRETAASLLQAGYKGRVTGWGNLKETWTANVGKGQPSVL
QVVNLPIVERPVCKDSTRIRITDNMFCAGYKPDEGKRGDACEGDSGGPFVMKSPFNNRWYQMGIVSWGEGCDRDGKYGFY
THVFRLKKWIQKVIDQFGE
;
H
3 'polypeptide(L)' ITYTDCTESGQNLCLCEGSNVCGKGNKCILGSNGKGNQCVTGEGTPKPESHNNGDFEEIPEEYLQ I
#
# COMPACT_ATOMS: atom_id res chain seq x y z
N GLY A 3 -19.72 18.21 -1.11
CA GLY A 3 -20.26 18.59 0.22
C GLY A 3 -20.31 20.13 0.26
N SER A 4 -20.42 20.58 1.49
CA SER A 4 -20.48 22.03 1.84
C SER A 4 -19.06 22.62 1.86
N GLY A 5 -18.40 22.51 3.02
CA GLY A 5 -17.02 23.03 3.13
C GLY A 5 -16.15 21.79 2.86
N GLU A 6 -16.03 21.03 3.94
CA GLU A 6 -15.27 19.79 3.81
C GLU A 6 -16.18 18.97 2.83
N ALA A 7 -15.51 18.48 1.79
CA ALA A 7 -16.25 17.62 0.82
C ALA A 7 -16.78 16.36 1.55
N ASP A 8 -17.51 15.57 0.81
CA ASP A 8 -18.18 14.31 1.17
C ASP A 8 -17.30 13.07 1.19
N CYS A 9 -16.06 13.17 1.59
CA CYS A 9 -15.11 12.07 1.63
C CYS A 9 -15.62 10.87 2.42
N GLY A 10 -15.05 9.73 2.09
CA GLY A 10 -15.22 8.44 2.65
C GLY A 10 -16.59 7.82 2.83
N LEU A 11 -17.54 8.17 1.99
CA LEU A 11 -18.89 7.66 1.93
C LEU A 11 -19.07 6.94 0.58
N ARG A 12 -19.10 5.60 0.58
CA ARG A 12 -19.25 5.03 -0.81
C ARG A 12 -20.68 5.10 -1.30
N PRO A 13 -20.89 5.54 -2.55
CA PRO A 13 -22.22 5.58 -3.17
C PRO A 13 -22.94 4.23 -3.18
N LEU A 14 -22.19 3.17 -3.39
CA LEU A 14 -22.75 1.80 -3.50
C LEU A 14 -22.94 1.15 -2.15
N PHE A 15 -22.48 1.83 -1.11
CA PHE A 15 -22.58 1.29 0.24
C PHE A 15 -23.34 2.18 1.19
N GLU A 16 -22.59 2.88 1.99
CA GLU A 16 -23.11 3.77 3.02
C GLU A 16 -24.23 4.63 2.41
N LYS A 17 -24.03 5.09 1.18
CA LYS A 17 -25.04 5.95 0.54
C LYS A 17 -26.32 5.19 0.20
N LYS A 18 -26.27 3.86 0.13
CA LYS A 18 -27.45 3.04 -0.21
C LYS A 18 -27.87 2.27 1.04
N SER A 19 -27.18 2.62 2.08
CA SER A 19 -27.43 2.00 3.38
C SER A 19 -27.13 0.51 3.29
N LEU A 20 -26.12 0.13 2.51
CA LEU A 20 -25.74 -1.30 2.38
C LEU A 20 -24.42 -1.52 3.08
N GLU A 21 -24.10 -2.58 3.72
CA GLU A 21 -22.83 -2.90 4.34
C GLU A 21 -22.04 -3.90 3.44
N ASP A 22 -20.72 -3.73 3.33
CA ASP A 22 -19.87 -4.64 2.51
C ASP A 22 -19.79 -5.89 3.40
N LYS A 23 -19.40 -7.01 2.87
CA LYS A 23 -19.32 -8.28 3.57
C LYS A 23 -18.41 -8.32 4.78
N THR A 24 -17.35 -7.53 4.89
CA THR A 24 -16.49 -7.67 6.10
C THR A 24 -16.39 -6.45 6.96
N GLU A 25 -17.25 -5.48 6.76
CA GLU A 25 -17.19 -4.26 7.56
C GLU A 25 -17.44 -4.49 9.04
N ARG A 26 -18.41 -5.44 9.22
CA ARG A 26 -18.78 -5.76 10.63
C ARG A 26 -17.56 -6.12 11.46
N GLU A 27 -16.71 -6.86 10.79
CA GLU A 27 -15.48 -7.29 11.44
C GLU A 27 -14.68 -6.11 11.98
N LEU A 28 -14.60 -5.01 11.22
CA LEU A 28 -13.90 -3.79 11.59
C LEU A 28 -14.67 -3.15 12.79
N LEU A 29 -15.97 -2.97 12.58
CA LEU A 29 -16.83 -2.41 13.64
C LEU A 29 -16.71 -3.09 15.00
N GLU A 30 -16.82 -4.42 15.10
CA GLU A 30 -16.61 -5.04 16.41
C GLU A 30 -15.21 -4.98 17.01
N SER A 31 -14.24 -4.82 16.19
CA SER A 31 -12.85 -4.80 16.70
C SER A 31 -12.86 -3.72 17.80
N TYR A 32 -13.66 -2.70 17.51
CA TYR A 32 -13.80 -1.55 18.39
C TYR A 32 -14.41 -1.82 19.76
N ILE A 33 -15.45 -2.66 19.77
CA ILE A 33 -16.09 -3.03 21.05
C ILE A 33 -15.58 -4.39 21.47
N ASP A 34 -14.38 -4.72 21.09
CA ASP A 34 -13.61 -5.96 21.29
C ASP A 34 -14.04 -7.13 20.43
N GLY A 35 -13.24 -7.30 19.37
CA GLY A 35 -13.35 -8.22 18.21
C GLY A 35 -12.82 -7.70 16.87
N ILE B 1 -2.12 -9.31 -1.87
CA ILE B 1 -2.67 -9.57 -0.52
C ILE B 1 -2.68 -11.11 -0.30
N VAL B 2 -2.25 -11.49 0.88
CA VAL B 2 -2.11 -12.85 1.38
C VAL B 2 -3.30 -13.24 2.29
N GLU B 3 -4.05 -14.29 1.90
CA GLU B 3 -5.20 -14.69 2.70
C GLU B 3 -6.34 -13.65 2.74
N GLY B 4 -6.57 -12.96 1.66
CA GLY B 4 -7.63 -11.96 1.59
C GLY B 4 -8.81 -12.55 0.77
N SER B 5 -9.60 -11.68 0.19
CA SER B 5 -10.70 -12.13 -0.64
C SER B 5 -10.95 -11.04 -1.69
N ASP B 6 -11.78 -11.41 -2.64
CA ASP B 6 -12.14 -10.51 -3.73
C ASP B 6 -12.97 -9.33 -3.17
N ALA B 7 -12.57 -8.16 -3.58
CA ALA B 7 -13.31 -6.95 -3.09
C ALA B 7 -14.62 -6.99 -3.88
N GLU B 8 -15.66 -6.43 -3.33
CA GLU B 8 -16.93 -6.28 -4.04
C GLU B 8 -16.79 -5.04 -4.94
N ILE B 9 -17.47 -4.95 -6.04
CA ILE B 9 -17.45 -3.78 -6.91
C ILE B 9 -17.75 -2.54 -6.00
N GLY B 10 -17.00 -1.47 -6.21
CA GLY B 10 -17.14 -0.18 -5.50
C GLY B 10 -16.86 -0.23 -4.01
N MET B 11 -16.35 -1.29 -3.46
CA MET B 11 -16.09 -1.31 -2.02
C MET B 11 -14.94 -0.38 -1.56
N SER B 12 -14.05 -0.08 -2.52
CA SER B 12 -12.82 0.80 -2.16
C SER B 12 -12.58 1.78 -3.32
N PRO B 13 -13.55 2.76 -3.41
CA PRO B 13 -13.68 3.69 -4.50
C PRO B 13 -12.56 4.69 -4.62
N TRP B 14 -11.78 4.74 -3.61
CA TRP B 14 -10.60 5.57 -3.50
C TRP B 14 -9.30 4.82 -3.94
N GLN B 15 -9.37 3.50 -4.12
CA GLN B 15 -8.22 2.69 -4.56
C GLN B 15 -7.78 3.11 -5.99
N VAL B 16 -6.43 3.31 -6.07
CA VAL B 16 -5.86 3.73 -7.36
C VAL B 16 -4.78 2.72 -7.76
N MET B 17 -4.62 2.54 -9.09
CA MET B 17 -3.53 1.65 -9.63
C MET B 17 -2.41 2.55 -10.20
N LEU B 18 -1.20 2.34 -9.81
CA LEU B 18 -0.06 3.08 -10.36
C LEU B 18 0.46 2.12 -11.47
N PHE B 19 0.33 2.57 -12.68
CA PHE B 19 0.65 1.86 -13.91
C PHE B 19 1.80 2.44 -14.76
N ARG B 20 2.71 1.51 -15.00
CA ARG B 20 3.92 1.71 -15.80
C ARG B 20 3.54 1.78 -17.26
N LYS B 21 3.96 2.80 -17.97
CA LYS B 21 3.60 2.85 -19.39
C LYS B 21 4.35 1.85 -20.28
N SER B 22 5.66 1.84 -20.15
CA SER B 22 6.54 0.99 -20.97
C SER B 22 7.71 0.47 -20.17
N PRO B 23 7.76 -0.82 -19.91
CA PRO B 23 6.79 -1.84 -20.32
C PRO B 23 5.53 -1.68 -19.40
N GLN B 24 4.39 -2.07 -19.89
CA GLN B 24 3.13 -2.05 -19.10
C GLN B 24 3.25 -2.91 -17.85
N GLU B 25 3.07 -2.26 -16.68
CA GLU B 25 3.17 -3.09 -15.48
C GLU B 25 2.59 -2.33 -14.30
N LEU B 26 2.13 -3.12 -13.36
CA LEU B 26 1.50 -2.53 -12.18
C LEU B 26 2.59 -2.11 -11.25
N LEU B 27 2.78 -0.82 -10.96
CA LEU B 27 3.85 -0.47 -10.01
C LEU B 27 3.47 -0.60 -8.55
N CYS B 28 2.32 -0.04 -8.18
CA CYS B 28 1.91 0.02 -6.79
C CYS B 28 0.46 0.46 -6.70
N GLY B 29 -0.03 0.41 -5.48
CA GLY B 29 -1.40 0.89 -5.20
C GLY B 29 -1.21 2.38 -4.83
N ALA B 30 -2.30 3.02 -4.57
CA ALA B 30 -2.52 4.41 -4.22
C ALA B 30 -4.03 4.62 -3.81
N SER B 31 -4.28 5.84 -3.41
CA SER B 31 -5.53 6.43 -2.96
C SER B 31 -5.73 7.92 -3.38
N LEU B 32 -6.93 8.14 -3.72
CA LEU B 32 -7.62 9.35 -4.16
C LEU B 32 -8.04 10.17 -2.91
N ILE B 33 -7.47 11.35 -2.80
CA ILE B 33 -7.82 12.15 -1.61
C ILE B 33 -8.64 13.39 -2.01
N SER B 34 -8.70 13.66 -3.28
CA SER B 34 -9.46 14.82 -3.77
C SER B 34 -9.54 14.59 -5.26
N ASP B 35 -10.18 15.41 -6.01
CA ASP B 35 -10.35 15.21 -7.46
C ASP B 35 -9.12 15.46 -8.27
N ARG B 36 -8.03 15.76 -7.57
CA ARG B 36 -6.75 16.02 -8.25
C ARG B 36 -5.54 15.44 -7.53
N TRP B 37 -5.62 15.01 -6.34
CA TRP B 37 -4.48 14.50 -5.57
C TRP B 37 -4.63 13.02 -5.17
N VAL B 38 -3.54 12.32 -5.35
CA VAL B 38 -3.28 10.90 -5.13
C VAL B 38 -2.17 10.70 -4.12
N LEU B 39 -2.44 9.89 -3.13
CA LEU B 39 -1.46 9.62 -2.12
C LEU B 39 -0.84 8.21 -2.32
N THR B 40 0.51 8.19 -2.32
CA THR B 40 1.23 6.91 -2.45
C THR B 40 2.47 6.89 -1.55
N ALA B 41 3.21 5.76 -1.66
CA ALA B 41 4.44 5.59 -0.90
C ALA B 41 5.57 6.20 -1.71
N ALA B 42 6.53 6.74 -0.98
CA ALA B 42 7.67 7.38 -1.67
C ALA B 42 8.42 6.31 -2.45
N HIS B 43 8.68 5.12 -1.92
CA HIS B 43 9.43 4.06 -2.63
C HIS B 43 8.83 3.62 -3.94
N CYS B 44 7.56 3.85 -4.24
CA CYS B 44 6.93 3.53 -5.53
C CYS B 44 7.53 4.42 -6.67
N LEU B 45 7.96 5.63 -6.38
CA LEU B 45 8.52 6.55 -7.35
C LEU B 45 10.03 6.67 -7.32
N LEU B 46 10.65 6.63 -6.18
CA LEU B 46 12.06 6.80 -5.90
C LEU B 46 12.63 5.75 -4.95
N TYR B 47 13.52 5.00 -5.58
CA TYR B 47 14.17 3.88 -4.80
C TYR B 47 15.46 3.52 -5.54
N PRO B 48 16.50 4.25 -5.14
CA PRO B 48 17.82 4.17 -5.79
C PRO B 48 18.34 2.74 -5.84
N PRO B 49 18.22 2.03 -4.72
CA PRO B 49 18.63 0.61 -4.70
C PRO B 49 18.20 -0.10 -5.96
N TRP B 50 17.05 0.12 -6.57
CA TRP B 50 16.63 -0.52 -7.80
C TRP B 50 16.70 0.47 -8.98
N ASP B 51 17.46 1.52 -8.75
CA ASP B 51 17.64 2.59 -9.75
C ASP B 51 16.24 2.92 -10.26
N LYS B 52 15.38 3.11 -9.25
CA LYS B 52 13.97 3.48 -9.64
C LYS B 52 13.85 4.96 -9.35
N ASN B 53 13.56 5.76 -10.34
CA ASN B 53 13.36 7.21 -10.24
C ASN B 53 12.49 7.69 -11.42
N PHE B 54 11.19 7.43 -11.37
CA PHE B 54 10.24 7.75 -12.41
C PHE B 54 9.88 9.21 -12.44
N THR B 55 9.54 9.64 -13.64
CA THR B 55 9.05 11.00 -13.90
C THR B 55 7.52 10.93 -14.17
N GLU B 56 6.90 12.08 -14.10
CA GLU B 56 5.52 12.30 -14.34
C GLU B 56 5.15 11.54 -15.62
N ASN B 57 6.03 11.58 -16.58
CA ASN B 57 5.76 10.94 -17.88
C ASN B 57 5.94 9.42 -17.95
N ASP B 58 6.53 8.85 -16.93
CA ASP B 58 6.74 7.39 -16.98
C ASP B 58 5.48 6.63 -16.58
N LEU B 59 4.60 7.35 -15.89
CA LEU B 59 3.43 6.67 -15.34
C LEU B 59 2.06 7.27 -15.57
N LEU B 60 1.15 6.34 -15.40
CA LEU B 60 -0.29 6.57 -15.51
C LEU B 60 -0.88 6.10 -14.17
N VAL B 61 -2.00 6.67 -13.93
CA VAL B 61 -2.89 6.48 -12.76
C VAL B 61 -4.23 6.03 -13.37
N ARG B 62 -4.65 4.90 -12.87
CA ARG B 62 -5.88 4.17 -13.26
C ARG B 62 -6.78 4.10 -12.02
N ILE B 63 -7.90 4.77 -12.23
CA ILE B 63 -8.91 4.90 -11.16
C ILE B 63 -10.26 4.28 -11.43
N GLY B 64 -10.82 3.79 -10.35
CA GLY B 64 -12.19 3.18 -10.37
C GLY B 64 -12.21 1.72 -10.89
N LYS B 65 -11.15 0.96 -10.83
CA LYS B 65 -10.84 -0.37 -11.28
C LYS B 65 -11.20 -1.49 -10.31
N HIS B 66 -11.62 -2.57 -10.84
CA HIS B 66 -11.98 -3.78 -9.97
C HIS B 66 -10.95 -4.84 -10.33
N SER B 67 -10.98 -5.08 -11.63
CA SER B 67 -10.10 -6.00 -12.40
C SER B 67 -8.60 -5.53 -12.45
N ARG B 68 -7.76 -6.51 -12.10
CA ARG B 68 -6.32 -6.22 -12.18
C ARG B 68 -5.79 -5.90 -13.60
N THR B 69 -6.16 -6.64 -14.65
CA THR B 69 -5.68 -6.58 -15.98
C THR B 69 -6.66 -6.14 -17.03
N ARG B 70 -7.97 -6.11 -16.72
CA ARG B 70 -8.81 -5.65 -17.84
C ARG B 70 -8.81 -4.08 -17.91
N TYR B 71 -9.12 -3.70 -19.09
CA TYR B 71 -9.37 -2.32 -19.45
C TYR B 71 -10.89 -2.04 -19.20
N GLU B 72 -11.32 -1.71 -17.99
CA GLU B 72 -12.73 -1.44 -17.63
C GLU B 72 -13.26 -0.09 -18.16
N ARG B 73 -13.45 -0.09 -19.44
CA ARG B 73 -13.88 0.84 -20.44
C ARG B 73 -14.86 1.91 -19.97
N ASN B 74 -16.04 1.57 -19.52
CA ASN B 74 -16.85 2.77 -19.10
C ASN B 74 -16.87 2.95 -17.59
N ILE B 75 -15.84 2.44 -16.93
CA ILE B 75 -15.73 2.52 -15.47
C ILE B 75 -14.45 3.13 -14.94
N GLU B 76 -13.34 2.63 -15.52
CA GLU B 76 -12.08 3.19 -14.98
C GLU B 76 -11.78 4.49 -15.73
N LYS B 77 -11.03 5.33 -15.06
CA LYS B 77 -10.48 6.61 -15.40
C LYS B 77 -8.93 6.49 -15.31
N ILE B 78 -8.39 6.87 -16.43
CA ILE B 78 -6.93 6.90 -16.68
C ILE B 78 -6.48 8.37 -16.78
N SER B 79 -5.56 8.70 -15.91
CA SER B 79 -5.04 10.03 -15.79
C SER B 79 -3.49 10.13 -15.77
N MET B 80 -3.10 11.21 -16.42
CA MET B 80 -1.69 11.64 -16.54
C MET B 80 -1.37 12.52 -15.35
N LEU B 81 -0.12 12.46 -14.93
CA LEU B 81 0.39 13.24 -13.79
C LEU B 81 0.92 14.62 -14.20
N GLU B 82 0.60 15.62 -13.43
CA GLU B 82 1.10 16.97 -13.67
C GLU B 82 2.45 17.13 -12.94
N LYS B 83 2.49 16.63 -11.72
CA LYS B 83 3.67 16.73 -10.89
C LYS B 83 3.70 15.69 -9.77
N ILE B 84 4.93 15.47 -9.34
CA ILE B 84 5.15 14.51 -8.24
C ILE B 84 5.85 15.19 -7.07
N TYR B 85 5.59 14.72 -5.90
CA TYR B 85 6.18 15.25 -4.69
C TYR B 85 6.57 14.14 -3.74
N ILE B 86 7.86 14.12 -3.44
CA ILE B 86 8.40 13.19 -2.49
C ILE B 86 8.76 13.93 -1.19
N HIS B 87 8.42 13.36 -0.08
CA HIS B 87 8.79 14.01 1.17
C HIS B 87 10.33 14.16 1.17
N PRO B 88 10.81 15.37 1.48
CA PRO B 88 12.22 15.68 1.55
C PRO B 88 13.05 14.87 2.56
N ARG B 89 12.51 14.38 3.65
CA ARG B 89 13.28 13.59 4.59
C ARG B 89 13.01 12.09 4.48
N TYR B 90 12.55 11.63 3.33
CA TYR B 90 12.24 10.25 3.00
C TYR B 90 13.59 9.52 2.96
N ASN B 91 13.78 8.66 3.92
CA ASN B 91 14.99 7.91 4.11
C ASN B 91 14.87 6.49 3.56
N TRP B 92 15.15 6.44 2.28
CA TRP B 92 15.12 5.14 1.57
C TRP B 92 16.34 4.36 2.09
N ARG B 93 17.30 5.23 2.41
CA ARG B 93 18.58 4.72 2.99
C ARG B 93 18.18 3.99 4.29
N GLU B 94 17.71 2.78 3.92
CA GLU B 94 17.20 1.66 4.66
C GLU B 94 16.50 2.03 5.94
N ASN B 95 15.25 2.45 5.77
CA ASN B 95 14.44 2.77 6.99
C ASN B 95 12.99 2.84 6.47
N LEU B 96 13.02 3.49 5.33
CA LEU B 96 11.88 3.82 4.52
C LEU B 96 11.11 4.83 5.42
N ASP B 97 11.90 5.47 6.27
CA ASP B 97 11.37 6.50 7.15
C ASP B 97 10.80 7.62 6.23
N ARG B 98 9.59 8.00 6.68
CA ARG B 98 8.85 9.02 5.93
C ARG B 98 8.56 8.65 4.46
N ASP B 99 8.11 7.45 4.26
CA ASP B 99 7.75 6.91 2.96
C ASP B 99 6.34 7.39 2.50
N ILE B 100 6.36 8.61 1.90
CA ILE B 100 5.11 9.25 1.42
C ILE B 100 5.40 10.10 0.23
N ALA B 101 4.38 10.27 -0.57
CA ALA B 101 4.40 11.07 -1.79
C ALA B 101 3.03 11.47 -2.28
N LEU B 102 2.98 12.57 -2.99
CA LEU B 102 1.79 13.12 -3.61
C LEU B 102 2.07 13.26 -5.11
N MET B 103 1.00 13.06 -5.82
CA MET B 103 0.90 13.14 -7.28
C MET B 103 -0.32 14.01 -7.55
N LYS B 104 -0.16 15.00 -8.39
CA LYS B 104 -1.21 15.92 -8.84
C LYS B 104 -1.55 15.50 -10.29
N LEU B 105 -2.83 15.38 -10.59
CA LEU B 105 -3.37 15.04 -11.87
C LEU B 105 -3.38 16.28 -12.78
N LYS B 106 -3.11 15.98 -14.03
CA LYS B 106 -3.14 16.97 -15.10
C LYS B 106 -4.53 17.60 -15.05
N LYS B 107 -5.58 16.78 -15.03
CA LYS B 107 -6.96 17.23 -14.96
C LYS B 107 -7.66 16.52 -13.81
N PRO B 108 -8.69 17.16 -13.24
CA PRO B 108 -9.41 16.57 -12.09
C PRO B 108 -10.33 15.47 -12.67
N VAL B 109 -10.47 14.48 -11.79
CA VAL B 109 -11.33 13.34 -12.12
C VAL B 109 -12.76 13.62 -11.59
N ALA B 110 -13.64 13.13 -12.46
CA ALA B 110 -15.10 13.12 -12.19
C ALA B 110 -15.40 11.95 -11.25
N PHE B 111 -16.08 12.19 -10.12
CA PHE B 111 -16.40 11.09 -9.20
C PHE B 111 -17.52 10.23 -9.76
N SER B 112 -17.71 9.03 -9.20
CA SER B 112 -18.82 8.18 -9.70
C SER B 112 -19.08 7.13 -8.67
N ASP B 113 -19.88 6.15 -9.10
CA ASP B 113 -20.17 5.02 -8.21
C ASP B 113 -18.88 4.32 -7.81
N TYR B 114 -17.94 4.20 -8.71
CA TYR B 114 -16.64 3.57 -8.50
C TYR B 114 -15.37 4.42 -8.22
N ILE B 115 -15.52 5.71 -8.08
CA ILE B 115 -14.50 6.74 -7.88
C ILE B 115 -15.02 7.81 -6.89
N HIS B 116 -14.35 7.86 -5.78
CA HIS B 116 -14.66 8.77 -4.68
C HIS B 116 -13.53 8.79 -3.69
N PRO B 117 -13.11 9.99 -3.17
CA PRO B 117 -12.01 10.08 -2.22
C PRO B 117 -12.34 9.57 -0.82
N VAL B 118 -11.25 9.17 -0.16
CA VAL B 118 -11.33 8.75 1.23
C VAL B 118 -11.04 10.01 2.08
N CYS B 119 -11.19 9.90 3.36
CA CYS B 119 -10.92 11.00 4.30
C CYS B 119 -9.55 10.89 4.94
N LEU B 120 -8.98 12.06 5.12
CA LEU B 120 -7.68 12.17 5.86
C LEU B 120 -8.25 12.48 7.28
N PRO B 121 -7.62 11.91 8.30
CA PRO B 121 -8.11 12.06 9.63
C PRO B 121 -7.60 13.38 10.26
N ASP B 122 -8.29 13.70 11.34
CA ASP B 122 -7.93 14.80 12.23
C ASP B 122 -7.27 14.04 13.39
N ARG B 123 -6.78 14.78 14.32
CA ARG B 123 -6.16 14.39 15.58
C ARG B 123 -7.07 13.54 16.45
N GLU B 124 -8.34 13.98 16.54
CA GLU B 124 -9.20 13.18 17.43
C GLU B 124 -9.62 11.86 16.83
N THR B 125 -9.69 11.68 15.53
CA THR B 125 -10.01 10.45 14.83
C THR B 125 -8.79 9.51 15.00
N ALA B 126 -7.67 10.09 14.62
CA ALA B 126 -6.37 9.41 14.76
C ALA B 126 -6.15 8.97 16.19
N ALA B 127 -6.59 9.79 17.15
CA ALA B 127 -6.45 9.47 18.59
C ALA B 127 -7.41 8.37 19.02
N SER B 128 -8.61 8.38 18.46
CA SER B 128 -9.62 7.40 18.74
C SER B 128 -9.41 6.03 18.12
N LEU B 129 -9.13 6.03 16.83
CA LEU B 129 -8.97 4.86 15.97
C LEU B 129 -7.61 4.21 16.01
N LEU B 130 -6.49 4.90 16.14
CA LEU B 130 -5.25 4.10 16.17
C LEU B 130 -4.94 3.45 17.48
N GLN B 131 -5.53 2.29 17.72
CA GLN B 131 -5.28 1.61 19.00
C GLN B 131 -5.03 0.12 18.65
N ALA B 132 -4.03 -0.36 19.40
CA ALA B 132 -3.61 -1.76 19.23
C ALA B 132 -4.89 -2.58 19.42
N GLY B 133 -5.07 -3.57 18.58
CA GLY B 133 -6.27 -4.42 18.65
C GLY B 133 -7.38 -4.00 17.67
N TYR B 134 -7.41 -2.68 17.39
CA TYR B 134 -8.46 -2.25 16.44
C TYR B 134 -8.00 -2.72 15.07
N LYS B 135 -8.94 -2.95 14.20
CA LYS B 135 -8.64 -3.42 12.85
C LYS B 135 -8.75 -2.42 11.72
N GLY B 136 -7.81 -2.50 10.77
CA GLY B 136 -7.85 -1.63 9.56
C GLY B 136 -8.01 -2.65 8.41
N ARG B 137 -8.25 -2.17 7.24
CA ARG B 137 -8.46 -2.82 5.98
C ARG B 137 -7.43 -2.32 4.95
N VAL B 138 -6.86 -3.31 4.29
CA VAL B 138 -5.88 -3.19 3.25
C VAL B 138 -6.42 -3.73 1.94
N THR B 139 -6.10 -3.11 0.85
CA THR B 139 -6.55 -3.53 -0.48
C THR B 139 -5.38 -3.35 -1.47
N GLY B 140 -5.45 -4.15 -2.48
CA GLY B 140 -4.47 -4.21 -3.54
C GLY B 140 -4.60 -5.38 -4.48
N TRP B 141 -3.82 -5.25 -5.55
CA TRP B 141 -3.71 -6.30 -6.59
C TRP B 141 -2.35 -7.05 -6.49
N GLY B 142 -1.64 -6.88 -5.37
CA GLY B 142 -0.31 -7.55 -5.28
C GLY B 142 -0.52 -9.04 -5.08
N ASN B 143 0.59 -9.72 -5.05
CA ASN B 143 0.79 -11.12 -4.89
C ASN B 143 -0.04 -11.82 -3.81
N LEU B 144 -0.43 -13.02 -4.27
CA LEU B 144 -1.24 -13.91 -3.42
C LEU B 144 -0.49 -14.60 -2.32
N LYS B 145 0.82 -14.70 -2.55
CA LYS B 145 1.71 -15.41 -1.63
C LYS B 145 3.13 -14.87 -1.81
N GLU B 146 3.92 -15.09 -0.79
CA GLU B 146 5.33 -14.62 -0.83
C GLU B 146 6.02 -15.24 -2.04
N THR B 147 5.96 -16.57 -2.10
CA THR B 147 6.55 -17.30 -3.24
C THR B 147 5.58 -18.47 -3.52
N TRP B 148 5.74 -18.89 -4.75
CA TRP B 148 4.93 -20.01 -5.29
C TRP B 148 5.77 -20.71 -6.39
N THR B 149 5.25 -21.90 -6.70
CA THR B 149 5.80 -22.81 -7.72
C THR B 149 5.42 -22.21 -9.06
N ALA B 150 6.49 -21.81 -9.71
CA ALA B 150 6.41 -21.19 -11.01
C ALA B 150 5.61 -21.96 -12.04
N ASN B 151 4.85 -21.19 -12.81
CA ASN B 151 4.03 -21.64 -13.94
C ASN B 151 3.00 -22.66 -13.52
N VAL B 152 2.63 -22.65 -12.25
CA VAL B 152 1.54 -23.58 -11.81
C VAL B 152 0.47 -22.65 -11.18
N GLY B 153 -0.42 -22.11 -12.01
CA GLY B 153 -1.45 -21.12 -11.53
C GLY B 153 -0.80 -19.69 -11.69
N LYS B 154 -1.34 -18.72 -10.95
CA LYS B 154 -0.82 -17.30 -10.99
C LYS B 154 -0.86 -16.78 -9.57
N GLY B 155 0.19 -16.13 -9.12
CA GLY B 155 0.27 -15.57 -7.76
C GLY B 155 -0.34 -14.16 -7.74
N GLN B 156 -0.92 -13.76 -8.85
CA GLN B 156 -1.53 -12.42 -8.85
C GLN B 156 -3.03 -12.65 -9.07
N PRO B 157 -3.82 -11.87 -8.33
CA PRO B 157 -5.25 -11.97 -8.34
C PRO B 157 -5.80 -11.43 -9.67
N SER B 158 -6.97 -11.92 -10.04
CA SER B 158 -7.64 -11.37 -11.21
C SER B 158 -8.47 -10.09 -10.80
N VAL B 159 -8.80 -9.94 -9.54
CA VAL B 159 -9.62 -8.93 -8.92
C VAL B 159 -8.96 -8.47 -7.63
N LEU B 160 -9.15 -7.21 -7.32
CA LEU B 160 -8.67 -6.54 -6.14
C LEU B 160 -9.00 -7.40 -4.96
N GLN B 161 -8.11 -7.47 -4.00
CA GLN B 161 -8.23 -8.26 -2.78
C GLN B 161 -8.34 -7.27 -1.62
N VAL B 162 -8.89 -7.69 -0.54
CA VAL B 162 -9.11 -7.00 0.69
C VAL B 162 -8.80 -7.94 1.86
N VAL B 163 -8.23 -7.35 2.92
CA VAL B 163 -7.92 -8.07 4.16
C VAL B 163 -8.10 -7.04 5.28
N ASN B 164 -8.55 -7.47 6.41
CA ASN B 164 -8.81 -6.74 7.65
C ASN B 164 -7.71 -7.06 8.65
N LEU B 165 -6.91 -6.08 9.10
CA LEU B 165 -5.85 -6.49 10.03
C LEU B 165 -5.89 -5.62 11.27
N PRO B 166 -5.51 -6.22 12.39
CA PRO B 166 -5.47 -5.53 13.69
C PRO B 166 -4.12 -4.75 13.84
N ILE B 167 -4.23 -3.63 14.51
CA ILE B 167 -3.03 -2.80 14.82
C ILE B 167 -2.34 -3.51 15.97
N VAL B 168 -1.03 -3.61 15.90
CA VAL B 168 -0.14 -4.24 16.90
C VAL B 168 0.55 -3.18 17.78
N GLU B 169 0.69 -3.51 19.03
CA GLU B 169 1.37 -2.65 20.03
C GLU B 169 2.82 -2.45 19.55
N ARG B 170 3.19 -1.16 19.54
CA ARG B 170 4.51 -0.73 19.15
C ARG B 170 5.70 -1.51 19.71
N PRO B 171 5.71 -1.87 20.98
CA PRO B 171 6.84 -2.58 21.58
C PRO B 171 7.05 -3.89 20.80
N VAL B 172 5.89 -4.46 20.49
CA VAL B 172 5.86 -5.71 19.70
C VAL B 172 6.31 -5.51 18.25
N CYS B 173 5.93 -4.40 17.60
CA CYS B 173 6.36 -4.08 16.25
C CYS B 173 7.90 -4.07 16.24
N LYS B 174 8.39 -3.31 17.19
CA LYS B 174 9.73 -3.05 17.60
C LYS B 174 10.54 -4.36 17.87
N ASP B 175 10.01 -5.21 18.70
CA ASP B 175 10.68 -6.49 18.95
C ASP B 175 10.59 -7.47 17.79
N SER B 176 9.84 -7.21 16.72
CA SER B 176 9.72 -8.18 15.62
C SER B 176 10.73 -8.01 14.51
N THR B 177 11.48 -6.91 14.61
CA THR B 177 12.44 -6.56 13.58
C THR B 177 13.76 -6.06 14.17
N ARG B 178 14.76 -6.16 13.32
CA ARG B 178 16.10 -5.69 13.70
C ARG B 178 16.28 -4.31 13.09
N ILE B 179 15.27 -3.83 12.41
CA ILE B 179 15.23 -2.55 11.77
C ILE B 179 14.67 -1.54 12.79
N ARG B 180 15.21 -0.33 12.62
CA ARG B 180 14.84 0.81 13.51
C ARG B 180 13.58 1.44 12.96
N ILE B 181 12.60 1.27 13.80
CA ILE B 181 11.18 1.67 13.59
C ILE B 181 11.04 3.12 14.04
N THR B 182 10.45 4.02 13.25
CA THR B 182 10.27 5.42 13.73
C THR B 182 8.82 5.71 14.06
N ASP B 183 8.63 6.91 14.53
CA ASP B 183 7.32 7.45 14.89
C ASP B 183 6.43 7.55 13.64
N ASN B 184 7.08 7.68 12.50
CA ASN B 184 6.30 7.79 11.26
C ASN B 184 5.75 6.43 10.74
N MET B 185 5.83 5.38 11.53
CA MET B 185 5.40 4.06 11.17
C MET B 185 4.58 3.39 12.29
N PHE B 186 3.80 2.45 11.78
CA PHE B 186 3.04 1.54 12.69
C PHE B 186 3.01 0.19 11.95
N CYS B 187 2.77 -0.91 12.60
CA CYS B 187 2.68 -2.27 12.10
C CYS B 187 1.30 -2.88 12.36
N ALA B 188 0.87 -3.73 11.44
CA ALA B 188 -0.46 -4.37 11.62
C ALA B 188 -0.26 -5.84 11.25
N GLY B 189 -1.16 -6.71 11.69
CA GLY B 189 -1.12 -8.11 11.39
C GLY B 189 -1.48 -8.94 12.61
N TYR B 190 -1.98 -10.17 12.41
CA TYR B 190 -2.27 -11.06 13.52
C TYR B 190 -1.01 -11.64 14.15
N LYS B 191 -1.17 -11.97 15.41
CA LYS B 191 -0.12 -12.65 16.19
C LYS B 191 -0.17 -14.14 15.85
N PRO B 192 1.00 -14.76 15.98
CA PRO B 192 1.18 -16.19 15.64
C PRO B 192 0.19 -17.09 16.36
N ASP B 193 -0.01 -16.80 17.62
CA ASP B 193 -0.91 -17.54 18.50
C ASP B 193 -2.34 -17.05 18.24
N GLU B 194 -2.37 -15.94 17.50
CA GLU B 194 -3.66 -15.30 17.23
C GLU B 194 -4.54 -16.13 16.34
N GLY B 195 -3.94 -17.08 15.61
CA GLY B 195 -4.82 -17.89 14.76
C GLY B 195 -5.43 -17.32 13.52
N LYS B 196 -4.99 -16.17 12.98
CA LYS B 196 -5.59 -15.66 11.71
C LYS B 196 -4.32 -15.24 10.98
N ARG B 197 -4.44 -14.93 9.74
CA ARG B 197 -3.27 -14.47 8.97
C ARG B 197 -3.82 -13.50 7.90
N GLY B 198 -2.80 -13.03 7.20
CA GLY B 198 -3.03 -12.08 6.13
C GLY B 198 -1.95 -11.02 6.35
N ASP B 199 -1.62 -10.51 5.18
CA ASP B 199 -0.63 -9.45 4.97
C ASP B 199 -0.77 -8.89 3.56
N ALA B 200 -0.14 -7.76 3.40
CA ALA B 200 0.04 -7.08 2.10
C ALA B 200 1.27 -7.82 1.49
N CYS B 201 1.52 -7.62 0.21
CA CYS B 201 2.67 -8.27 -0.42
C CYS B 201 3.06 -7.47 -1.66
N GLU B 202 4.11 -7.92 -2.35
CA GLU B 202 4.62 -7.24 -3.53
C GLU B 202 3.51 -6.81 -4.45
N GLY B 203 3.48 -5.50 -4.76
CA GLY B 203 2.46 -4.99 -5.69
C GLY B 203 1.35 -4.28 -4.91
N ASP B 204 1.30 -4.51 -3.59
CA ASP B 204 0.26 -3.86 -2.73
C ASP B 204 0.71 -2.47 -2.14
N SER B 205 2.00 -2.27 -2.07
CA SER B 205 2.65 -1.07 -1.60
C SER B 205 2.10 0.24 -2.17
N GLY B 206 2.00 1.20 -1.30
CA GLY B 206 1.56 2.58 -1.72
C GLY B 206 0.06 2.73 -1.42
N GLY B 207 -0.53 1.52 -1.26
CA GLY B 207 -1.94 1.41 -0.99
C GLY B 207 -2.41 1.94 0.33
N PRO B 208 -3.74 2.09 0.45
CA PRO B 208 -4.30 2.62 1.68
C PRO B 208 -4.52 1.60 2.76
N PHE B 209 -4.32 1.91 4.04
CA PHE B 209 -4.62 1.17 5.26
C PHE B 209 -5.84 2.01 5.80
N VAL B 210 -7.09 1.50 5.75
CA VAL B 210 -8.28 2.26 6.14
C VAL B 210 -8.97 1.73 7.34
N MET B 211 -9.65 2.69 7.96
CA MET B 211 -10.47 2.50 9.18
C MET B 211 -11.77 3.29 8.95
N LYS B 212 -12.85 2.74 9.40
CA LYS B 212 -14.22 3.31 9.30
C LYS B 212 -14.69 3.78 10.69
N SER B 213 -15.11 5.04 10.77
CA SER B 213 -15.64 5.58 12.09
C SER B 213 -17.15 5.21 12.20
N PRO B 214 -17.50 4.62 13.34
CA PRO B 214 -18.87 4.13 13.64
C PRO B 214 -19.70 5.39 13.88
N PHE B 215 -19.19 6.35 14.64
CA PHE B 215 -19.83 7.65 14.90
C PHE B 215 -20.20 8.40 13.68
N ASN B 216 -19.47 8.54 12.59
CA ASN B 216 -19.96 9.26 11.41
C ASN B 216 -19.98 8.37 10.18
N ASN B 217 -19.73 7.09 10.29
CA ASN B 217 -19.79 6.25 9.08
C ASN B 217 -18.74 6.44 7.96
N ARG B 218 -17.71 7.19 8.23
CA ARG B 218 -16.66 7.54 7.34
C ARG B 218 -15.36 6.73 7.39
N TRP B 219 -14.97 6.52 6.15
CA TRP B 219 -13.67 5.86 5.92
C TRP B 219 -12.57 7.01 5.85
N TYR B 220 -11.59 6.75 6.69
CA TYR B 220 -10.36 7.40 6.96
C TYR B 220 -9.13 6.53 6.65
N GLN B 221 -8.18 7.16 5.95
CA GLN B 221 -6.90 6.64 5.54
C GLN B 221 -5.88 6.95 6.65
N MET B 222 -5.61 5.89 7.42
CA MET B 222 -4.69 5.89 8.55
C MET B 222 -3.24 5.51 8.09
N GLY B 223 -3.17 4.68 7.03
CA GLY B 223 -1.80 4.26 6.67
C GLY B 223 -1.59 4.07 5.20
N ILE B 224 -0.41 3.78 4.80
CA ILE B 224 0.05 3.55 3.41
C ILE B 224 0.95 2.28 3.62
N VAL B 225 0.70 1.30 2.78
CA VAL B 225 1.45 0.05 2.78
C VAL B 225 2.90 0.41 2.39
N SER B 226 3.76 0.19 3.35
CA SER B 226 5.14 0.65 3.18
C SER B 226 6.10 -0.50 2.98
N TRP B 227 6.37 -1.31 3.95
CA TRP B 227 7.30 -2.43 3.81
C TRP B 227 7.03 -3.55 4.83
N GLY B 228 7.59 -4.68 4.45
CA GLY B 228 7.58 -5.91 5.30
C GLY B 228 8.79 -6.79 4.91
N GLU B 229 9.09 -7.65 5.83
CA GLU B 229 10.18 -8.66 5.77
C GLU B 229 9.41 -9.97 5.48
N GLY B 230 9.24 -10.15 4.19
CA GLY B 230 8.49 -11.28 3.65
C GLY B 230 7.01 -10.89 3.64
N CYS B 231 6.16 -11.83 3.35
CA CYS B 231 4.70 -11.60 3.33
C CYS B 231 4.08 -12.70 4.20
N ASP B 232 3.28 -12.32 5.16
CA ASP B 232 2.62 -13.31 6.00
C ASP B 232 3.46 -14.29 6.81
N ARG B 233 4.69 -13.90 7.15
CA ARG B 233 5.53 -14.75 8.00
C ARG B 233 5.04 -14.72 9.45
N ASP B 234 5.11 -15.81 10.21
CA ASP B 234 4.65 -15.83 11.60
C ASP B 234 5.65 -14.96 12.40
N GLY B 235 5.14 -14.14 13.30
CA GLY B 235 5.98 -13.28 14.09
C GLY B 235 6.57 -12.09 13.37
N LYS B 236 6.16 -11.85 12.15
CA LYS B 236 6.50 -10.74 11.27
C LYS B 236 5.17 -9.92 11.10
N TYR B 237 5.35 -8.62 10.87
CA TYR B 237 4.38 -7.56 10.68
C TYR B 237 4.66 -6.61 9.52
N GLY B 238 3.55 -6.28 8.87
CA GLY B 238 3.45 -5.32 7.75
C GLY B 238 3.61 -3.95 8.49
N PHE B 239 4.37 -3.10 7.83
CA PHE B 239 4.69 -1.75 8.31
C PHE B 239 4.03 -0.72 7.48
N TYR B 240 3.34 0.20 8.12
CA TYR B 240 2.62 1.30 7.44
C TYR B 240 3.16 2.68 7.80
N THR B 241 3.12 3.50 6.75
CA THR B 241 3.49 4.90 6.86
C THR B 241 2.31 5.56 7.70
N HIS B 242 2.69 6.22 8.77
CA HIS B 242 1.76 6.89 9.66
C HIS B 242 1.30 8.25 9.10
N VAL B 243 0.18 8.23 8.39
CA VAL B 243 -0.41 9.38 7.71
C VAL B 243 -0.69 10.64 8.58
N PHE B 244 -1.29 10.39 9.75
CA PHE B 244 -1.64 11.50 10.65
C PHE B 244 -0.36 12.30 10.87
N ARG B 245 0.64 11.60 11.32
CA ARG B 245 1.96 12.16 11.59
C ARG B 245 2.56 12.96 10.42
N LEU B 246 2.29 12.77 9.19
CA LEU B 246 2.88 13.51 8.06
C LEU B 246 1.87 14.43 7.37
N LYS B 247 0.70 14.67 7.98
CA LYS B 247 -0.32 15.54 7.43
C LYS B 247 0.12 16.98 7.28
N LYS B 248 0.99 17.54 8.09
CA LYS B 248 1.54 18.89 7.98
C LYS B 248 2.30 18.98 6.66
N TRP B 249 2.95 17.93 6.18
CA TRP B 249 3.66 17.90 4.87
C TRP B 249 2.65 17.98 3.74
N ILE B 250 1.68 17.08 3.87
CA ILE B 250 0.56 17.02 2.91
C ILE B 250 -0.10 18.40 2.77
N GLN B 251 -0.40 18.98 3.93
CA GLN B 251 -1.04 20.29 4.04
C GLN B 251 -0.31 21.38 3.23
N LYS B 252 1.00 21.41 3.51
CA LYS B 252 1.95 22.29 2.86
C LYS B 252 2.01 22.07 1.37
N VAL B 253 2.01 20.81 0.89
CA VAL B 253 2.08 20.67 -0.59
C VAL B 253 0.76 21.02 -1.29
N ILE B 254 -0.37 20.60 -0.78
CA ILE B 254 -1.65 20.85 -1.47
C ILE B 254 -1.98 22.31 -1.49
N ASP B 255 -1.64 23.01 -0.40
CA ASP B 255 -1.82 24.47 -0.28
C ASP B 255 -3.15 24.92 -0.83
N GLN B 256 -4.15 24.23 -0.30
CA GLN B 256 -5.54 24.37 -0.77
C GLN B 256 -6.17 25.73 -0.63
N PHE B 257 -5.79 26.45 0.37
CA PHE B 257 -6.30 27.82 0.60
C PHE B 257 -4.92 28.58 0.61
N GLY B 258 -4.83 29.44 -0.26
N ILE C 1 7.72 -2.04 -0.53
CA ILE C 1 8.94 -2.82 -0.57
C ILE C 1 8.76 -4.11 0.25
N THR C 2 8.81 -5.27 -0.45
CA THR C 2 8.76 -6.54 0.31
C THR C 2 10.19 -7.18 0.22
N TYR C 3 10.88 -7.38 1.31
CA TYR C 3 12.19 -8.05 1.29
C TYR C 3 11.89 -9.56 1.23
N THR C 4 12.41 -10.26 0.28
CA THR C 4 12.27 -11.74 0.15
C THR C 4 13.72 -12.30 0.26
N ASP C 5 13.77 -13.62 0.34
CA ASP C 5 15.04 -14.36 0.48
C ASP C 5 16.15 -14.06 -0.52
N CYS C 6 17.37 -13.94 -0.01
CA CYS C 6 18.56 -13.73 -0.89
C CYS C 6 18.72 -15.03 -1.73
N THR C 7 18.99 -14.79 -2.99
CA THR C 7 19.13 -15.76 -4.04
C THR C 7 20.56 -16.15 -4.39
N GLU C 8 21.45 -15.18 -4.31
CA GLU C 8 22.88 -15.38 -4.62
C GLU C 8 23.71 -14.82 -3.50
N SER C 9 24.89 -15.39 -3.39
CA SER C 9 25.83 -14.97 -2.29
C SER C 9 26.28 -13.55 -2.65
N GLY C 10 26.39 -12.69 -1.63
CA GLY C 10 26.74 -11.28 -1.87
C GLY C 10 25.61 -10.36 -2.30
N GLN C 11 24.36 -10.74 -2.09
CA GLN C 11 23.20 -9.89 -2.39
C GLN C 11 22.80 -9.28 -0.99
N ASN C 12 22.33 -8.04 -1.09
CA ASN C 12 21.85 -7.31 0.10
C ASN C 12 20.37 -6.94 -0.25
N LEU C 13 19.72 -6.30 0.73
CA LEU C 13 18.31 -5.89 0.52
C LEU C 13 17.42 -7.11 0.35
N CYS C 14 17.73 -8.13 1.16
CA CYS C 14 17.03 -9.41 1.09
C CYS C 14 17.22 -10.16 2.41
N LEU C 15 16.33 -11.10 2.59
CA LEU C 15 16.26 -12.01 3.75
C LEU C 15 17.42 -13.03 3.68
N CYS C 16 18.36 -12.92 4.63
CA CYS C 16 19.61 -13.67 4.81
C CYS C 16 19.53 -14.56 6.04
N GLU C 17 19.66 -13.98 7.21
CA GLU C 17 19.51 -14.79 8.44
C GLU C 17 18.06 -14.84 8.90
N GLY C 18 17.37 -15.93 8.53
CA GLY C 18 15.94 -16.12 8.86
C GLY C 18 15.15 -15.06 8.04
N SER C 19 14.19 -14.45 8.70
CA SER C 19 13.33 -13.40 8.14
C SER C 19 13.87 -12.00 8.53
N ASN C 20 15.18 -11.91 8.44
CA ASN C 20 15.86 -10.64 8.76
C ASN C 20 16.59 -10.19 7.50
N VAL C 21 16.35 -8.92 7.14
CA VAL C 21 17.04 -8.37 5.98
C VAL C 21 18.56 -8.24 6.25
N CYS C 22 19.33 -8.31 5.22
CA CYS C 22 20.76 -8.09 5.20
C CYS C 22 20.83 -6.77 4.38
N GLY C 23 21.02 -5.74 5.22
CA GLY C 23 21.04 -4.35 4.77
C GLY C 23 22.19 -3.86 3.94
N LYS C 24 22.19 -2.56 3.63
CA LYS C 24 23.29 -1.97 2.84
C LYS C 24 24.60 -2.04 3.69
N GLY C 25 25.70 -2.20 2.93
CA GLY C 25 26.97 -2.23 3.69
C GLY C 25 27.23 -3.60 4.31
N ASN C 26 26.34 -4.53 3.98
CA ASN C 26 26.42 -5.93 4.36
C ASN C 26 26.20 -6.72 3.04
N LYS C 27 26.51 -7.99 3.22
CA LYS C 27 26.36 -8.89 2.02
C LYS C 27 25.99 -10.24 2.61
N CYS C 28 25.26 -11.00 1.79
CA CYS C 28 24.78 -12.31 2.24
C CYS C 28 25.58 -13.49 1.64
N ILE C 29 25.99 -14.30 2.62
CA ILE C 29 26.77 -15.51 2.46
C ILE C 29 25.80 -16.69 2.48
N LEU C 30 25.45 -17.16 1.30
CA LEU C 30 24.50 -18.31 1.22
C LEU C 30 25.23 -19.53 1.77
N GLY C 31 25.35 -19.65 3.09
CA GLY C 31 26.07 -20.76 3.74
C GLY C 31 25.38 -22.11 3.51
N GLY C 36 24.47 -22.53 7.80
CA GLY C 36 23.60 -21.33 7.97
C GLY C 36 23.99 -20.24 6.96
N ASN C 37 23.17 -19.19 6.89
CA ASN C 37 23.45 -18.06 5.97
C ASN C 37 24.12 -16.98 6.86
N GLN C 38 24.95 -16.19 6.18
CA GLN C 38 25.58 -15.14 7.00
C GLN C 38 25.45 -13.80 6.26
N CYS C 39 25.02 -12.90 7.13
CA CYS C 39 24.89 -11.50 6.68
C CYS C 39 26.23 -10.83 7.06
N VAL C 40 27.09 -10.67 6.08
CA VAL C 40 28.42 -10.06 6.33
C VAL C 40 28.62 -8.59 5.94
N THR C 41 29.56 -8.08 6.74
CA THR C 41 30.05 -6.71 6.52
C THR C 41 30.51 -6.76 5.05
N GLY C 42 30.50 -5.63 4.40
CA GLY C 42 30.94 -5.72 2.97
C GLY C 42 29.83 -5.13 2.11
N GLU C 43 30.19 -4.73 0.90
CA GLU C 43 29.24 -4.12 -0.01
C GLU C 43 28.56 -5.23 -0.82
N GLY C 44 27.28 -5.45 -0.51
CA GLY C 44 26.53 -6.46 -1.29
C GLY C 44 25.88 -5.76 -2.48
N THR C 45 25.09 -6.58 -3.13
CA THR C 45 24.29 -6.17 -4.29
C THR C 45 22.87 -6.55 -3.86
N PRO C 46 22.02 -5.58 -4.11
CA PRO C 46 20.63 -5.75 -3.70
C PRO C 46 20.01 -6.79 -4.64
N LYS C 47 19.32 -7.72 -3.97
CA LYS C 47 18.55 -8.67 -4.83
C LYS C 47 17.73 -7.73 -5.73
N PRO C 48 17.69 -8.02 -7.01
CA PRO C 48 16.91 -7.19 -7.95
C PRO C 48 15.36 -7.33 -7.73
N GLU C 49 14.72 -6.22 -8.08
CA GLU C 49 13.31 -6.00 -8.02
C GLU C 49 12.54 -7.01 -8.88
N SER C 50 11.52 -7.64 -8.25
CA SER C 50 10.76 -8.60 -9.13
C SER C 50 9.66 -7.84 -9.90
N HIS C 51 9.34 -8.41 -11.06
CA HIS C 51 8.28 -7.87 -11.95
C HIS C 51 7.20 -8.97 -12.07
N ASN C 52 6.14 -8.78 -11.28
CA ASN C 52 4.96 -9.60 -11.01
C ASN C 52 3.64 -9.48 -11.78
N ASN C 53 3.63 -9.48 -13.10
CA ASN C 53 2.28 -9.28 -13.75
C ASN C 53 2.57 -9.09 -15.25
N GLY C 54 1.53 -8.82 -16.07
CA GLY C 54 1.90 -8.57 -17.49
C GLY C 54 1.02 -9.11 -18.58
N ASP C 55 -0.19 -9.38 -18.20
CA ASP C 55 -1.30 -9.91 -19.02
C ASP C 55 -2.42 -8.86 -19.10
N PHE C 56 -2.05 -7.61 -19.29
CA PHE C 56 -2.92 -6.46 -19.38
C PHE C 56 -3.61 -6.29 -20.72
N GLU C 57 -4.88 -5.96 -20.64
CA GLU C 57 -5.63 -5.67 -21.84
C GLU C 57 -5.25 -4.20 -22.16
N GLU C 58 -5.38 -4.01 -23.43
CA GLU C 58 -5.19 -2.89 -24.26
C GLU C 58 -5.78 -1.62 -23.70
N ILE C 59 -4.97 -0.59 -23.53
CA ILE C 59 -5.59 0.67 -23.05
C ILE C 59 -5.43 1.60 -24.26
N PRO C 60 -6.29 2.59 -24.40
CA PRO C 60 -6.14 3.55 -25.51
C PRO C 60 -4.69 4.10 -25.56
N GLU C 61 -4.12 3.94 -26.76
CA GLU C 61 -2.73 4.30 -26.96
C GLU C 61 -2.51 5.80 -26.82
N GLU C 62 -3.60 6.55 -26.81
CA GLU C 62 -3.48 8.00 -26.62
C GLU C 62 -2.77 8.20 -25.29
N TYR C 63 -2.97 7.28 -24.39
CA TYR C 63 -2.36 7.32 -23.05
C TYR C 63 -0.97 6.69 -23.02
N LEU C 64 -0.68 5.86 -23.97
CA LEU C 64 0.59 5.13 -24.03
C LEU C 64 1.72 5.93 -24.64
N GLN C 65 1.40 7.13 -25.01
CA GLN C 65 2.34 8.09 -25.62
C GLN C 65 2.95 9.00 -24.54
#